data_4OXN
#
_entry.id   4OXN
#
_cell.length_a   88.952
_cell.length_b   97.150
_cell.length_c   187.009
_cell.angle_alpha   90.000
_cell.angle_beta   90.000
_cell.angle_gamma   90.000
#
_symmetry.space_group_name_H-M   'I 21 21 21'
#
loop_
_entity.id
_entity.type
_entity.pdbx_description
1 polymer 'Enoyl-[acyl-carrier-protein] reductase [NADH]'
2 non-polymer NICOTINAMIDE-ADENINE-DINUCLEOTIDE
3 non-polymer 5-(4-amino-2-methylphenoxy)-2-hexyl-4-hydroxy-1-methylpyridinium
4 non-polymer 'CHLORIDE ION'
5 non-polymer 3,6,9,12,15-pentaoxaoctadecan-17-amine
6 non-polymer '4-(2-HYDROXYETHYL)-1-PIPERAZINE ETHANESULFONIC ACID'
7 water water
#
_entity_poly.entity_id   1
_entity_poly.type   'polypeptide(L)'
_entity_poly.pdbx_seq_one_letter_code
;MGSSHHHHHHSSGLVPRGSHMTGLLDGKRILVSGIITDSSIAFHIARVAQEQGAQLVLTGFDRLRLIQRITDRLPAKAPL
LELDVQNEEHLASLAGRVTEAIGAGNKLDGVVHSIGFMPQTGMGINPFFDAPYADVSKGIHISAYSYASMAKALLPIMNP
GGSIVGMDFDPSRAMPAYNWMTVAKSALESVNRFVAREAGKYGVRSNLVAAGPIRTLAMSAIVGGALGEEAGAQIQLLEE
GWDQRAPIGWNMKDATPVAKTVCALLSDWLPATTGDIIYADGGAHTQLL
;
_entity_poly.pdbx_strand_id   A,B
#
loop_
_chem_comp.id
_chem_comp.type
_chem_comp.name
_chem_comp.formula
1S5 non-polymer 5-(4-amino-2-methylphenoxy)-2-hexyl-4-hydroxy-1-methylpyridinium 'C19 H26 N2 O2'
2NV non-polymer 3,6,9,12,15-pentaoxaoctadecan-17-amine 'C13 H29 N O5'
CL non-polymer 'CHLORIDE ION' 'Cl -1'
EPE non-polymer '4-(2-HYDROXYETHYL)-1-PIPERAZINE ETHANESULFONIC ACID' 'C8 H18 N2 O4 S'
NAD non-polymer NICOTINAMIDE-ADENINE-DINUCLEOTIDE 'C21 H27 N7 O14 P2'
#
# COMPACT_ATOMS: atom_id res chain seq x y z
N THR A 22 12.29 -3.35 -18.28
CA THR A 22 12.35 -4.80 -18.16
C THR A 22 11.85 -5.29 -16.80
N GLY A 23 12.77 -5.48 -15.86
CA GLY A 23 12.45 -5.98 -14.53
C GLY A 23 12.11 -4.90 -13.49
N LEU A 24 11.20 -5.24 -12.58
CA LEU A 24 10.75 -4.30 -11.55
C LEU A 24 11.91 -3.83 -10.65
N LEU A 25 12.86 -4.72 -10.39
CA LEU A 25 13.94 -4.45 -9.46
C LEU A 25 15.31 -4.46 -10.12
N ASP A 26 15.33 -4.15 -11.42
CA ASP A 26 16.56 -4.25 -12.21
C ASP A 26 17.74 -3.46 -11.62
N GLY A 27 18.87 -4.13 -11.46
CA GLY A 27 20.06 -3.51 -10.91
C GLY A 27 19.97 -3.09 -9.45
N LYS A 28 18.92 -3.54 -8.76
CA LYS A 28 18.80 -3.23 -7.34
C LYS A 28 19.55 -4.27 -6.52
N ARG A 29 20.25 -3.82 -5.49
CA ARG A 29 20.95 -4.75 -4.60
C ARG A 29 20.15 -4.89 -3.32
N ILE A 30 19.76 -6.11 -2.99
CA ILE A 30 18.81 -6.33 -1.91
C ILE A 30 19.25 -7.46 -0.99
N LEU A 31 19.22 -7.20 0.31
CA LEU A 31 19.48 -8.24 1.31
C LEU A 31 18.16 -8.91 1.72
N VAL A 32 18.14 -10.24 1.70
CA VAL A 32 16.98 -11.00 2.14
C VAL A 32 17.35 -11.93 3.28
N SER A 33 16.76 -11.71 4.44
CA SER A 33 16.95 -12.60 5.58
C SER A 33 15.77 -13.57 5.64
N GLY A 34 15.94 -14.65 6.40
CA GLY A 34 14.80 -15.45 6.80
C GLY A 34 14.47 -16.71 6.01
N ILE A 35 15.32 -17.11 5.08
CA ILE A 35 15.14 -18.41 4.44
C ILE A 35 15.60 -19.51 5.39
N ILE A 36 14.71 -20.46 5.70
CA ILE A 36 15.10 -21.69 6.40
C ILE A 36 14.65 -22.93 5.62
N THR A 37 13.51 -22.84 4.94
CA THR A 37 13.05 -23.92 4.07
C THR A 37 12.60 -23.38 2.72
N ASP A 38 12.25 -24.30 1.82
CA ASP A 38 11.82 -23.93 0.48
C ASP A 38 10.38 -23.43 0.47
N SER A 39 9.75 -23.45 1.63
CA SER A 39 8.42 -22.86 1.76
C SER A 39 8.44 -21.56 2.58
N SER A 40 9.63 -21.13 3.02
CA SER A 40 9.76 -19.83 3.70
C SER A 40 9.27 -18.69 2.82
N ILE A 41 8.57 -17.74 3.44
CA ILE A 41 8.14 -16.54 2.74
C ILE A 41 9.37 -15.85 2.12
N ALA A 42 10.48 -15.85 2.85
CA ALA A 42 11.72 -15.26 2.36
C ALA A 42 12.23 -15.93 1.08
N PHE A 43 12.07 -17.25 0.99
CA PHE A 43 12.53 -17.96 -0.20
C PHE A 43 11.80 -17.45 -1.44
N HIS A 44 10.51 -17.21 -1.30
CA HIS A 44 9.70 -16.76 -2.43
C HIS A 44 9.86 -15.26 -2.74
N ILE A 45 10.10 -14.47 -1.71
CA ILE A 45 10.50 -13.08 -1.89
C ILE A 45 11.78 -13.07 -2.72
N ALA A 46 12.74 -13.89 -2.31
CA ALA A 46 14.03 -13.95 -3.00
C ALA A 46 13.86 -14.41 -4.45
N ARG A 47 13.00 -15.40 -4.67
CA ARG A 47 12.79 -15.92 -6.02
C ARG A 47 12.20 -14.83 -6.92
N VAL A 48 11.13 -14.20 -6.46
CA VAL A 48 10.48 -13.17 -7.25
C VAL A 48 11.41 -11.98 -7.49
N ALA A 49 12.15 -11.57 -6.46
CA ALA A 49 13.14 -10.49 -6.58
C ALA A 49 14.16 -10.76 -7.68
N GLN A 50 14.77 -11.94 -7.66
CA GLN A 50 15.70 -12.37 -8.70
C GLN A 50 15.05 -12.40 -10.10
N GLU A 51 13.81 -12.87 -10.18
CA GLU A 51 13.09 -12.89 -11.45
C GLU A 51 12.89 -11.46 -11.98
N GLN A 52 12.89 -10.48 -11.06
CA GLN A 52 12.69 -9.08 -11.41
C GLN A 52 14.00 -8.28 -11.53
N GLY A 53 15.12 -8.99 -11.60
CA GLY A 53 16.40 -8.39 -11.91
C GLY A 53 17.28 -8.01 -10.72
N ALA A 54 16.81 -8.30 -9.50
CA ALA A 54 17.55 -7.91 -8.31
C ALA A 54 18.78 -8.79 -8.06
N GLN A 55 19.85 -8.17 -7.56
CA GLN A 55 21.02 -8.91 -7.12
C GLN A 55 20.89 -9.06 -5.60
N LEU A 56 20.98 -10.30 -5.13
CA LEU A 56 20.67 -10.57 -3.73
C LEU A 56 21.87 -10.90 -2.87
N VAL A 57 21.77 -10.52 -1.61
CA VAL A 57 22.63 -11.08 -0.57
C VAL A 57 21.68 -11.73 0.42
N LEU A 58 21.95 -12.99 0.78
CA LEU A 58 21.09 -13.77 1.65
C LEU A 58 21.69 -13.91 3.05
N THR A 59 20.85 -13.83 4.07
CA THR A 59 21.32 -14.11 5.43
C THR A 59 20.54 -15.27 6.04
N GLY A 60 21.24 -16.12 6.80
CA GLY A 60 20.62 -17.29 7.40
C GLY A 60 21.03 -17.52 8.84
N PHE A 61 20.14 -18.19 9.57
CA PHE A 61 20.35 -18.42 11.00
C PHE A 61 20.59 -19.90 11.31
N ASP A 62 21.72 -20.20 11.94
CA ASP A 62 21.96 -21.49 12.58
C ASP A 62 22.25 -22.69 11.66
N ARG A 63 21.24 -23.17 10.94
CA ARG A 63 21.43 -24.33 10.06
C ARG A 63 21.93 -23.89 8.68
N LEU A 64 23.17 -23.42 8.62
CA LEU A 64 23.68 -22.79 7.40
C LEU A 64 23.92 -23.78 6.26
N ARG A 65 24.32 -25.00 6.58
CA ARG A 65 24.49 -26.03 5.55
C ARG A 65 23.15 -26.29 4.87
N LEU A 66 22.10 -26.44 5.68
CA LEU A 66 20.76 -26.66 5.16
C LEU A 66 20.33 -25.50 4.26
N ILE A 67 20.48 -24.28 4.77
CA ILE A 67 20.07 -23.08 4.04
C ILE A 67 20.80 -22.93 2.70
N GLN A 68 22.09 -23.24 2.69
CA GLN A 68 22.87 -23.27 1.45
C GLN A 68 22.24 -24.20 0.43
N ARG A 69 21.89 -25.41 0.87
CA ARG A 69 21.25 -26.40 0.01
C ARG A 69 19.94 -25.85 -0.56
N ILE A 70 19.18 -25.18 0.29
CA ILE A 70 17.88 -24.67 -0.13
C ILE A 70 18.03 -23.48 -1.09
N THR A 71 18.98 -22.60 -0.81
CA THR A 71 19.18 -21.43 -1.66
C THR A 71 19.78 -21.79 -3.03
N ASP A 72 20.37 -22.97 -3.15
CA ASP A 72 20.81 -23.44 -4.47
C ASP A 72 19.64 -23.72 -5.41
N ARG A 73 18.42 -23.73 -4.86
CA ARG A 73 17.22 -23.97 -5.64
C ARG A 73 16.62 -22.66 -6.16
N LEU A 74 17.25 -21.53 -5.82
CA LEU A 74 16.82 -20.23 -6.31
C LEU A 74 17.21 -20.07 -7.79
N PRO A 75 16.55 -19.15 -8.50
CA PRO A 75 16.85 -18.86 -9.92
C PRO A 75 18.32 -18.50 -10.19
N ALA A 76 18.97 -17.79 -9.26
CA ALA A 76 20.37 -17.41 -9.45
C ALA A 76 21.15 -17.52 -8.15
N LYS A 77 22.44 -17.81 -8.25
CA LYS A 77 23.25 -17.99 -7.06
C LYS A 77 23.45 -16.64 -6.36
N ALA A 78 23.40 -16.66 -5.04
CA ALA A 78 23.54 -15.45 -4.25
C ALA A 78 24.36 -15.76 -3.03
N PRO A 79 25.19 -14.80 -2.58
CA PRO A 79 26.03 -15.02 -1.41
C PRO A 79 25.18 -15.30 -0.18
N LEU A 80 25.60 -16.26 0.63
CA LEU A 80 24.91 -16.52 1.90
C LEU A 80 25.78 -16.10 3.09
N LEU A 81 25.23 -15.24 3.94
CA LEU A 81 25.92 -14.74 5.13
C LEU A 81 25.21 -15.20 6.39
N GLU A 82 25.96 -15.51 7.44
CA GLU A 82 25.35 -15.89 8.71
C GLU A 82 24.88 -14.65 9.48
N LEU A 83 23.69 -14.73 10.06
CA LEU A 83 23.17 -13.67 10.91
C LEU A 83 22.19 -14.22 11.94
N ASP A 84 22.66 -14.31 13.18
CA ASP A 84 21.79 -14.56 14.31
C ASP A 84 21.47 -13.18 14.87
N VAL A 85 20.22 -12.75 14.77
CA VAL A 85 19.88 -11.38 15.17
C VAL A 85 20.01 -11.14 16.67
N GLN A 86 20.22 -12.21 17.44
CA GLN A 86 20.46 -12.06 18.87
C GLN A 86 21.95 -11.87 19.16
N ASN A 87 22.77 -12.05 18.14
CA ASN A 87 24.23 -11.97 18.31
C ASN A 87 24.75 -10.61 17.88
N GLU A 88 25.19 -9.83 18.86
CA GLU A 88 25.64 -8.46 18.62
C GLU A 88 26.87 -8.39 17.70
N GLU A 89 27.75 -9.39 17.77
CA GLU A 89 28.92 -9.43 16.90
C GLU A 89 28.51 -9.64 15.45
N HIS A 90 27.50 -10.48 15.23
CA HIS A 90 26.94 -10.68 13.89
C HIS A 90 26.40 -9.37 13.33
N LEU A 91 25.61 -8.67 14.13
CA LEU A 91 25.04 -7.40 13.71
C LEU A 91 26.13 -6.36 13.45
N ALA A 92 27.17 -6.37 14.28
CA ALA A 92 28.26 -5.40 14.17
C ALA A 92 29.11 -5.62 12.93
N SER A 93 29.24 -6.87 12.50
CA SER A 93 30.09 -7.19 11.36
C SER A 93 29.31 -7.24 10.05
N LEU A 94 27.99 -7.12 10.15
CA LEU A 94 27.10 -7.37 9.01
C LEU A 94 27.38 -6.47 7.81
N ALA A 95 27.41 -5.15 8.04
CA ALA A 95 27.59 -4.20 6.93
C ALA A 95 28.89 -4.44 6.19
N GLY A 96 29.96 -4.73 6.93
CA GLY A 96 31.25 -5.03 6.32
C GLY A 96 31.23 -6.32 5.54
N ARG A 97 30.48 -7.30 6.04
CA ARG A 97 30.41 -8.59 5.37
C ARG A 97 29.58 -8.47 4.10
N VAL A 98 28.52 -7.67 4.17
CA VAL A 98 27.68 -7.39 3.02
C VAL A 98 28.49 -6.65 1.96
N THR A 99 29.26 -5.66 2.41
CA THR A 99 30.12 -4.89 1.54
C THR A 99 31.10 -5.78 0.78
N GLU A 100 31.70 -6.75 1.48
CA GLU A 100 32.58 -7.71 0.84
C GLU A 100 31.82 -8.51 -0.21
N ALA A 101 30.57 -8.84 0.09
CA ALA A 101 29.73 -9.61 -0.83
C ALA A 101 29.35 -8.83 -2.10
N ILE A 102 28.98 -7.55 -1.95
CA ILE A 102 28.57 -6.77 -3.12
C ILE A 102 29.65 -5.87 -3.72
N GLY A 103 30.84 -5.89 -3.14
CA GLY A 103 31.95 -5.09 -3.65
C GLY A 103 31.99 -3.70 -3.03
N ALA A 104 33.21 -3.22 -2.79
CA ALA A 104 33.41 -1.90 -2.21
C ALA A 104 32.88 -0.80 -3.12
N GLY A 105 32.26 0.21 -2.54
CA GLY A 105 31.67 1.27 -3.33
C GLY A 105 30.21 1.04 -3.69
N ASN A 106 29.76 -0.20 -3.57
CA ASN A 106 28.35 -0.50 -3.82
C ASN A 106 27.55 -0.47 -2.52
N LYS A 107 26.28 -0.13 -2.64
CA LYS A 107 25.42 -0.10 -1.46
C LYS A 107 24.15 -0.94 -1.68
N LEU A 108 23.43 -1.21 -0.59
CA LEU A 108 22.16 -1.91 -0.68
C LEU A 108 21.05 -0.93 -1.02
N ASP A 109 20.14 -1.35 -1.89
CA ASP A 109 18.92 -0.59 -2.16
C ASP A 109 17.74 -1.15 -1.38
N GLY A 110 17.89 -2.38 -0.88
CA GLY A 110 16.77 -3.04 -0.24
C GLY A 110 17.19 -4.00 0.86
N VAL A 111 16.34 -4.09 1.87
CA VAL A 111 16.56 -4.98 3.00
C VAL A 111 15.22 -5.66 3.37
N VAL A 112 15.21 -6.98 3.38
CA VAL A 112 14.03 -7.72 3.79
C VAL A 112 14.27 -8.41 5.12
N HIS A 113 13.51 -8.00 6.13
CA HIS A 113 13.42 -8.72 7.40
C HIS A 113 12.24 -9.69 7.31
N SER A 114 12.53 -10.98 7.34
CA SER A 114 11.50 -12.02 7.26
C SER A 114 11.77 -13.02 8.37
N ILE A 115 11.89 -12.51 9.58
CA ILE A 115 12.39 -13.25 10.72
C ILE A 115 11.36 -13.19 11.84
N GLY A 116 11.06 -14.33 12.44
CA GLY A 116 10.06 -14.36 13.49
C GLY A 116 10.26 -15.61 14.33
N PHE A 117 10.09 -15.48 15.64
CA PHE A 117 10.15 -16.62 16.54
C PHE A 117 9.46 -16.29 17.83
N MET A 118 8.68 -17.25 18.34
CA MET A 118 8.10 -17.18 19.67
C MET A 118 8.07 -18.60 20.20
N PRO A 119 8.73 -18.85 21.35
CA PRO A 119 8.74 -20.20 21.93
C PRO A 119 7.33 -20.77 22.09
N GLN A 120 7.22 -22.10 22.10
CA GLN A 120 5.94 -22.79 22.15
C GLN A 120 5.08 -22.42 23.35
N THR A 121 5.72 -22.10 24.48
CA THR A 121 4.99 -21.66 25.66
C THR A 121 4.19 -20.40 25.39
N GLY A 122 4.61 -19.63 24.39
CA GLY A 122 3.92 -18.39 24.04
C GLY A 122 2.90 -18.57 22.92
N MET A 123 2.62 -19.83 22.57
CA MET A 123 1.79 -20.16 21.41
C MET A 123 0.67 -21.16 21.71
N GLY A 124 -0.28 -21.23 20.78
CA GLY A 124 -1.19 -22.35 20.69
C GLY A 124 -2.08 -22.65 21.87
N ILE A 125 -2.14 -23.93 22.23
CA ILE A 125 -3.08 -24.41 23.25
C ILE A 125 -2.52 -24.17 24.63
N ASN A 126 -1.29 -23.69 24.69
N ASN A 126 -1.25 -23.75 24.70
CA ASN A 126 -0.65 -23.40 25.96
CA ASN A 126 -0.65 -23.37 25.98
C ASN A 126 -1.19 -22.10 26.53
C ASN A 126 -1.38 -22.14 26.49
N PRO A 127 -1.68 -22.14 27.79
CA PRO A 127 -2.43 -20.99 28.33
C PRO A 127 -1.62 -19.69 28.23
N PHE A 128 -2.26 -18.61 27.78
CA PHE A 128 -1.62 -17.30 27.62
C PHE A 128 -0.82 -16.91 28.88
N PHE A 129 -1.38 -17.17 30.04
CA PHE A 129 -0.77 -16.80 31.31
C PHE A 129 0.44 -17.66 31.71
N ASP A 130 0.68 -18.78 31.02
CA ASP A 130 1.76 -19.66 31.45
C ASP A 130 3.06 -19.48 30.68
N ALA A 131 3.11 -18.49 29.80
CA ALA A 131 4.35 -18.21 29.11
C ALA A 131 5.25 -17.41 30.04
N PRO A 132 6.42 -17.96 30.38
CA PRO A 132 7.38 -17.24 31.23
C PRO A 132 7.93 -16.04 30.46
N TYR A 133 8.25 -14.95 31.14
CA TYR A 133 8.71 -13.76 30.43
C TYR A 133 10.02 -13.98 29.66
N ALA A 134 10.86 -14.88 30.15
CA ALA A 134 12.11 -15.18 29.48
C ALA A 134 11.83 -15.68 28.06
N ASP A 135 10.74 -16.43 27.91
CA ASP A 135 10.32 -16.97 26.62
C ASP A 135 9.75 -15.88 25.75
N VAL A 136 8.82 -15.09 26.30
CA VAL A 136 8.24 -13.95 25.59
C VAL A 136 9.31 -12.97 25.14
N SER A 137 10.25 -12.67 26.05
CA SER A 137 11.32 -11.71 25.81
C SER A 137 12.17 -12.14 24.62
N LYS A 138 12.53 -13.44 24.59
CA LYS A 138 13.27 -13.98 23.46
C LYS A 138 12.49 -13.81 22.14
N GLY A 139 11.21 -14.15 22.16
CA GLY A 139 10.35 -13.93 21.00
C GLY A 139 10.26 -12.47 20.55
N ILE A 140 10.14 -11.53 21.50
CA ILE A 140 10.07 -10.11 21.14
C ILE A 140 11.43 -9.63 20.60
N HIS A 141 12.51 -10.15 21.19
CA HIS A 141 13.87 -9.86 20.73
C HIS A 141 14.01 -10.20 19.25
N ILE A 142 13.70 -11.44 18.90
CA ILE A 142 13.83 -11.93 17.53
C ILE A 142 12.78 -11.33 16.58
N SER A 143 11.54 -11.27 17.02
CA SER A 143 10.44 -10.89 16.12
C SER A 143 10.23 -9.36 15.98
N ALA A 144 10.63 -8.59 16.99
CA ALA A 144 10.35 -7.15 16.97
C ALA A 144 11.60 -6.30 17.07
N TYR A 145 12.34 -6.44 18.17
CA TYR A 145 13.55 -5.64 18.38
C TYR A 145 14.55 -5.76 17.22
N SER A 146 14.75 -6.98 16.71
CA SER A 146 15.71 -7.21 15.63
C SER A 146 15.42 -6.42 14.35
N TYR A 147 14.16 -6.02 14.14
CA TYR A 147 13.88 -5.13 13.02
C TYR A 147 14.66 -3.79 13.12
N ALA A 148 14.78 -3.26 14.33
CA ALA A 148 15.56 -2.05 14.58
C ALA A 148 17.06 -2.33 14.47
N SER A 149 17.51 -3.43 15.05
N SER A 149 17.47 -3.47 14.99
CA SER A 149 18.93 -3.71 15.10
CA SER A 149 18.86 -3.92 14.90
C SER A 149 19.48 -4.03 13.70
C SER A 149 19.32 -4.07 13.46
N MET A 150 18.61 -4.53 12.83
N MET A 150 18.51 -4.75 12.65
CA MET A 150 19.00 -4.83 11.45
CA MET A 150 18.83 -4.93 11.23
C MET A 150 19.03 -3.55 10.62
C MET A 150 18.98 -3.57 10.55
N ALA A 151 18.06 -2.67 10.84
CA ALA A 151 18.05 -1.34 10.22
C ALA A 151 19.29 -0.59 10.65
N LYS A 152 19.61 -0.66 11.94
CA LYS A 152 20.79 0.00 12.48
C LYS A 152 22.05 -0.45 11.79
N ALA A 153 22.17 -1.76 11.57
CA ALA A 153 23.37 -2.34 10.99
C ALA A 153 23.52 -2.04 9.51
N LEU A 154 22.39 -1.87 8.81
CA LEU A 154 22.42 -1.80 7.35
C LEU A 154 22.18 -0.42 6.73
N LEU A 155 21.41 0.43 7.42
CA LEU A 155 21.20 1.82 6.95
C LEU A 155 22.50 2.55 6.53
N PRO A 156 23.60 2.38 7.27
CA PRO A 156 24.81 3.10 6.83
C PRO A 156 25.36 2.64 5.49
N ILE A 157 24.88 1.52 4.96
CA ILE A 157 25.26 1.11 3.62
C ILE A 157 24.07 1.03 2.67
N MET A 158 23.04 1.82 2.94
CA MET A 158 21.92 1.89 2.01
C MET A 158 21.94 3.16 1.17
N ASN A 159 21.48 3.04 -0.08
CA ASN A 159 21.30 4.17 -0.98
C ASN A 159 20.01 4.92 -0.65
N PRO A 160 20.04 6.25 -0.81
CA PRO A 160 18.80 7.03 -0.77
C PRO A 160 17.81 6.44 -1.78
N GLY A 161 16.52 6.47 -1.48
CA GLY A 161 15.53 5.83 -2.32
C GLY A 161 15.35 4.37 -1.92
N GLY A 162 16.11 3.94 -0.93
CA GLY A 162 16.10 2.55 -0.51
C GLY A 162 14.86 2.14 0.28
N SER A 163 14.75 0.85 0.54
CA SER A 163 13.55 0.33 1.17
C SER A 163 13.87 -0.81 2.14
N ILE A 164 13.34 -0.69 3.37
CA ILE A 164 13.41 -1.78 4.33
C ILE A 164 11.99 -2.31 4.53
N VAL A 165 11.85 -3.62 4.44
CA VAL A 165 10.55 -4.26 4.62
C VAL A 165 10.61 -5.42 5.64
N GLY A 166 9.64 -5.46 6.55
CA GLY A 166 9.51 -6.57 7.48
C GLY A 166 8.19 -7.28 7.31
N MET A 167 8.07 -8.49 7.85
CA MET A 167 6.84 -9.28 7.76
C MET A 167 5.97 -9.21 9.02
N ASP A 168 4.69 -8.93 8.81
CA ASP A 168 3.75 -8.70 9.90
C ASP A 168 2.56 -9.65 9.72
N PHE A 169 1.86 -9.94 10.82
CA PHE A 169 0.56 -10.62 10.78
C PHE A 169 -0.37 -9.81 11.67
N ASP A 170 -1.42 -9.25 11.07
CA ASP A 170 -2.25 -8.22 11.71
C ASP A 170 -2.68 -8.54 13.14
N PRO A 171 -2.12 -7.81 14.11
CA PRO A 171 -2.29 -8.02 15.55
C PRO A 171 -3.25 -7.03 16.21
N SER A 172 -4.00 -6.27 15.41
CA SER A 172 -4.91 -5.25 15.92
CA SER A 172 -4.86 -5.24 15.97
C SER A 172 -5.99 -5.82 16.83
N ARG A 173 -6.27 -7.10 16.65
N ARG A 173 -6.29 -7.10 16.62
CA ARG A 173 -7.25 -7.79 17.48
CA ARG A 173 -7.26 -7.81 17.44
C ARG A 173 -6.70 -9.13 17.93
C ARG A 173 -6.68 -9.13 17.94
N ALA A 174 -7.07 -9.55 19.15
CA ALA A 174 -6.63 -10.84 19.68
C ALA A 174 -7.30 -11.99 18.92
N MET A 175 -6.77 -13.19 19.12
CA MET A 175 -7.22 -14.35 18.37
C MET A 175 -6.66 -15.61 19.04
N PRO A 176 -7.30 -16.77 18.81
CA PRO A 176 -6.77 -18.00 19.41
C PRO A 176 -5.38 -18.33 18.89
N ALA A 177 -4.60 -19.04 19.71
CA ALA A 177 -3.35 -19.68 19.29
C ALA A 177 -2.15 -18.75 19.03
N TYR A 178 -2.38 -17.65 18.33
CA TYR A 178 -1.27 -16.76 17.99
C TYR A 178 -0.66 -16.12 19.25
N ASN A 179 -1.50 -15.94 20.27
CA ASN A 179 -1.05 -15.63 21.63
C ASN A 179 0.04 -14.54 21.75
N TRP A 180 1.18 -14.87 22.36
CA TRP A 180 2.23 -13.88 22.59
C TRP A 180 2.96 -13.42 21.32
N MET A 181 2.83 -14.19 20.24
CA MET A 181 3.38 -13.73 18.97
C MET A 181 2.58 -12.51 18.48
N THR A 182 1.28 -12.47 18.79
CA THR A 182 0.45 -11.30 18.49
C THR A 182 1.03 -10.07 19.16
N VAL A 183 1.41 -10.23 20.43
CA VAL A 183 2.01 -9.14 21.20
C VAL A 183 3.33 -8.68 20.57
N ALA A 184 4.14 -9.64 20.11
CA ALA A 184 5.39 -9.32 19.42
C ALA A 184 5.17 -8.55 18.13
N LYS A 185 4.11 -8.89 17.39
CA LYS A 185 3.82 -8.25 16.11
C LYS A 185 3.33 -6.82 16.37
N SER A 186 2.52 -6.67 17.41
CA SER A 186 2.07 -5.35 17.84
C SER A 186 3.28 -4.49 18.17
N ALA A 187 4.25 -5.07 18.86
CA ALA A 187 5.49 -4.37 19.17
C ALA A 187 6.25 -4.04 17.87
N LEU A 188 6.30 -5.01 16.94
CA LEU A 188 6.95 -4.79 15.64
C LEU A 188 6.38 -3.59 14.87
N GLU A 189 5.06 -3.47 14.82
CA GLU A 189 4.44 -2.34 14.13
C GLU A 189 4.89 -1.01 14.75
N SER A 190 5.02 -0.98 16.08
CA SER A 190 5.47 0.22 16.76
C SER A 190 6.93 0.51 16.42
N VAL A 191 7.77 -0.54 16.48
CA VAL A 191 9.17 -0.44 16.11
C VAL A 191 9.35 0.09 14.69
N ASN A 192 8.54 -0.41 13.76
CA ASN A 192 8.58 0.02 12.37
C ASN A 192 8.34 1.52 12.22
N ARG A 193 7.41 2.08 12.97
CA ARG A 193 7.15 3.52 12.88
C ARG A 193 8.35 4.36 13.31
N PHE A 194 9.13 3.85 14.27
CA PHE A 194 10.36 4.52 14.70
C PHE A 194 11.54 4.30 13.77
N VAL A 195 11.64 3.09 13.22
CA VAL A 195 12.68 2.80 12.24
C VAL A 195 12.51 3.78 11.06
N ALA A 196 11.26 4.07 10.70
CA ALA A 196 10.97 4.97 9.60
C ALA A 196 11.51 6.38 9.85
N ARG A 197 11.43 6.83 11.10
CA ARG A 197 12.00 8.11 11.47
C ARG A 197 13.52 8.12 11.25
N GLU A 198 14.17 7.02 11.64
CA GLU A 198 15.62 6.92 11.46
C GLU A 198 15.99 6.71 10.00
N ALA A 199 15.26 5.82 9.31
CA ALA A 199 15.56 5.52 7.91
C ALA A 199 15.38 6.76 7.02
N GLY A 200 14.37 7.57 7.34
CA GLY A 200 14.11 8.78 6.60
C GLY A 200 15.34 9.68 6.44
N LYS A 201 16.20 9.69 7.46
CA LYS A 201 17.39 10.54 7.44
C LYS A 201 18.33 10.13 6.32
N TYR A 202 18.22 8.88 5.87
CA TYR A 202 19.05 8.35 4.80
C TYR A 202 18.31 8.36 3.45
N GLY A 203 17.07 8.86 3.44
CA GLY A 203 16.25 8.81 2.25
C GLY A 203 15.70 7.41 1.99
N VAL A 204 15.58 6.63 3.07
CA VAL A 204 15.14 5.24 3.00
C VAL A 204 13.78 5.06 3.66
N ARG A 205 12.92 4.28 3.01
CA ARG A 205 11.60 3.93 3.55
C ARG A 205 11.67 2.67 4.42
N SER A 206 10.75 2.57 5.36
CA SER A 206 10.62 1.38 6.17
C SER A 206 9.15 1.04 6.24
N ASN A 207 8.80 -0.20 5.87
CA ASN A 207 7.40 -0.64 5.97
C ASN A 207 7.28 -2.10 6.31
N LEU A 208 6.06 -2.50 6.67
CA LEU A 208 5.77 -3.89 6.92
C LEU A 208 4.75 -4.38 5.90
N VAL A 209 4.84 -5.66 5.53
CA VAL A 209 3.78 -6.31 4.78
C VAL A 209 3.02 -7.21 5.75
N ALA A 210 1.74 -6.91 5.96
CA ALA A 210 0.90 -7.78 6.78
C ALA A 210 0.28 -8.86 5.90
N ALA A 211 0.84 -10.05 5.98
CA ALA A 211 0.42 -11.13 5.10
C ALA A 211 -0.76 -11.89 5.70
N GLY A 212 -1.61 -12.42 4.82
CA GLY A 212 -2.56 -13.45 5.21
C GLY A 212 -1.78 -14.70 5.61
N PRO A 213 -2.48 -15.69 6.19
CA PRO A 213 -1.77 -16.90 6.63
C PRO A 213 -1.26 -17.72 5.43
N ILE A 214 -0.04 -18.21 5.54
CA ILE A 214 0.59 -18.96 4.47
C ILE A 214 1.07 -20.29 5.07
N ARG A 215 0.85 -21.38 4.34
N ARG A 215 0.88 -21.37 4.32
CA ARG A 215 1.26 -22.70 4.80
CA ARG A 215 1.25 -22.70 4.78
C ARG A 215 2.75 -22.91 4.61
C ARG A 215 2.75 -22.93 4.62
N THR A 216 3.53 -22.16 5.38
CA THR A 216 4.98 -22.37 5.42
C THR A 216 5.16 -23.46 6.47
N LEU A 217 6.39 -23.96 6.64
CA LEU A 217 6.61 -24.95 7.69
C LEU A 217 6.48 -24.34 9.10
N ALA A 218 6.42 -23.02 9.20
CA ALA A 218 6.16 -22.38 10.49
C ALA A 218 4.71 -22.60 10.98
N MET A 219 3.81 -23.01 10.09
CA MET A 219 2.43 -23.35 10.47
C MET A 219 2.33 -24.37 11.62
N SER A 220 3.41 -25.11 11.88
CA SER A 220 3.45 -26.09 12.98
C SER A 220 3.00 -25.46 14.30
N ALA A 221 3.44 -24.23 14.56
CA ALA A 221 3.00 -23.47 15.72
C ALA A 221 1.48 -23.25 15.73
N GLU A 229 -3.95 -31.06 18.20
CA GLU A 229 -4.96 -32.11 18.19
C GLU A 229 -5.54 -32.40 16.79
N GLU A 230 -6.59 -31.67 16.41
CA GLU A 230 -7.17 -31.78 15.08
C GLU A 230 -6.69 -30.60 14.22
N ALA A 231 -5.42 -30.27 14.38
CA ALA A 231 -4.79 -29.12 13.74
C ALA A 231 -5.07 -29.01 12.25
N GLY A 232 -5.12 -30.16 11.57
CA GLY A 232 -5.28 -30.19 10.13
C GLY A 232 -6.58 -29.59 9.64
N ALA A 233 -7.69 -30.11 10.14
CA ALA A 233 -9.01 -29.61 9.78
C ALA A 233 -9.18 -28.12 10.14
N GLN A 234 -8.66 -27.75 11.31
CA GLN A 234 -8.73 -26.38 11.79
C GLN A 234 -7.92 -25.43 10.89
N ILE A 235 -6.75 -25.89 10.45
CA ILE A 235 -5.93 -25.06 9.56
C ILE A 235 -6.59 -24.93 8.19
N GLN A 236 -7.23 -26.00 7.74
CA GLN A 236 -8.01 -25.94 6.50
C GLN A 236 -9.19 -24.99 6.64
N LEU A 237 -9.82 -24.99 7.82
CA LEU A 237 -10.93 -24.08 8.10
C LEU A 237 -10.45 -22.63 8.12
N LEU A 238 -9.28 -22.42 8.69
CA LEU A 238 -8.62 -21.13 8.62
C LEU A 238 -8.48 -20.71 7.17
N GLU A 239 -8.06 -21.63 6.31
CA GLU A 239 -7.94 -21.33 4.89
C GLU A 239 -9.28 -20.97 4.26
N GLU A 240 -10.30 -21.80 4.47
CA GLU A 240 -11.62 -21.55 3.87
C GLU A 240 -12.23 -20.25 4.38
N GLY A 241 -12.08 -20.01 5.68
CA GLY A 241 -12.61 -18.80 6.30
C GLY A 241 -11.91 -17.56 5.80
N TRP A 242 -10.60 -17.61 5.69
CA TRP A 242 -9.83 -16.48 5.19
C TRP A 242 -10.17 -16.19 3.73
N ASP A 243 -10.26 -17.23 2.92
CA ASP A 243 -10.65 -17.09 1.51
C ASP A 243 -12.04 -16.45 1.35
N GLN A 244 -12.98 -16.88 2.19
CA GLN A 244 -14.33 -16.33 2.22
C GLN A 244 -14.34 -14.85 2.66
N ARG A 245 -13.60 -14.53 3.71
CA ARG A 245 -13.50 -13.16 4.23
C ARG A 245 -12.86 -12.23 3.19
N ALA A 246 -11.87 -12.75 2.46
CA ALA A 246 -11.11 -11.94 1.52
C ALA A 246 -11.88 -11.67 0.23
N PRO A 247 -12.18 -10.40 -0.05
CA PRO A 247 -12.98 -10.14 -1.25
C PRO A 247 -12.33 -10.61 -2.57
N ILE A 248 -11.01 -10.66 -2.66
N ILE A 248 -11.00 -10.66 -2.62
CA ILE A 248 -10.41 -11.24 -3.87
CA ILE A 248 -10.30 -11.16 -3.80
C ILE A 248 -9.95 -12.69 -3.68
C ILE A 248 -9.84 -12.62 -3.61
N GLY A 249 -10.29 -13.26 -2.54
CA GLY A 249 -9.95 -14.66 -2.28
C GLY A 249 -8.57 -14.80 -1.64
N TRP A 250 -8.29 -15.99 -1.10
CA TRP A 250 -6.99 -16.23 -0.48
C TRP A 250 -6.58 -17.69 -0.63
N ASN A 251 -5.31 -17.91 -0.96
CA ASN A 251 -4.75 -19.25 -1.07
C ASN A 251 -3.55 -19.39 -0.13
N MET A 252 -3.74 -20.09 0.99
CA MET A 252 -2.68 -20.25 1.98
C MET A 252 -1.47 -20.99 1.43
N LYS A 253 -1.68 -21.73 0.35
CA LYS A 253 -0.61 -22.56 -0.18
C LYS A 253 0.31 -21.78 -1.12
N ASP A 254 0.00 -20.50 -1.33
CA ASP A 254 0.69 -19.71 -2.35
C ASP A 254 1.27 -18.41 -1.79
N ALA A 255 2.59 -18.38 -1.61
CA ALA A 255 3.28 -17.22 -1.02
C ALA A 255 3.51 -16.10 -2.03
N THR A 256 3.36 -16.43 -3.32
CA THR A 256 3.66 -15.51 -4.42
C THR A 256 3.01 -14.12 -4.29
N PRO A 257 1.70 -14.04 -3.97
CA PRO A 257 1.11 -12.70 -3.87
C PRO A 257 1.77 -11.84 -2.78
N VAL A 258 2.26 -12.49 -1.73
CA VAL A 258 2.95 -11.81 -0.64
C VAL A 258 4.32 -11.37 -1.13
N ALA A 259 5.01 -12.27 -1.84
CA ALA A 259 6.31 -11.96 -2.41
C ALA A 259 6.25 -10.79 -3.38
N LYS A 260 5.19 -10.71 -4.17
CA LYS A 260 5.04 -9.61 -5.10
C LYS A 260 4.84 -8.28 -4.37
N THR A 261 4.10 -8.35 -3.26
CA THR A 261 3.83 -7.16 -2.48
C THR A 261 5.10 -6.60 -1.83
N VAL A 262 5.94 -7.50 -1.31
CA VAL A 262 7.23 -7.11 -0.76
C VAL A 262 8.08 -6.45 -1.85
N CYS A 263 8.12 -7.05 -3.03
CA CYS A 263 8.88 -6.48 -4.15
C CYS A 263 8.37 -5.09 -4.56
N ALA A 264 7.05 -4.90 -4.51
CA ALA A 264 6.45 -3.60 -4.77
C ALA A 264 7.01 -2.54 -3.82
N LEU A 265 7.08 -2.87 -2.54
CA LEU A 265 7.64 -1.96 -1.54
C LEU A 265 9.14 -1.79 -1.75
N LEU A 266 9.80 -2.80 -2.31
CA LEU A 266 11.21 -2.70 -2.59
C LEU A 266 11.48 -1.82 -3.83
N SER A 267 10.45 -1.67 -4.67
CA SER A 267 10.58 -0.95 -5.94
C SER A 267 10.43 0.56 -5.75
N ASP A 268 10.55 1.30 -6.85
CA ASP A 268 10.44 2.76 -6.80
C ASP A 268 8.96 3.19 -6.89
N TRP A 269 8.04 2.25 -6.86
CA TRP A 269 6.63 2.56 -7.12
C TRP A 269 5.76 2.88 -5.90
N LEU A 270 6.33 2.80 -4.72
CA LEU A 270 5.64 3.29 -3.52
C LEU A 270 6.58 4.24 -2.79
N PRO A 271 6.95 5.35 -3.44
CA PRO A 271 8.04 6.19 -2.93
C PRO A 271 7.63 7.09 -1.78
N ALA A 272 6.34 7.19 -1.51
CA ALA A 272 5.85 8.11 -0.49
C ALA A 272 5.15 7.40 0.68
N THR A 273 5.43 6.11 0.83
CA THR A 273 4.87 5.32 1.91
C THR A 273 6.00 4.87 2.85
N THR A 274 5.88 5.19 4.14
CA THR A 274 6.89 4.77 5.11
C THR A 274 6.32 4.74 6.54
N GLY A 275 6.90 3.93 7.42
CA GLY A 275 6.36 3.76 8.75
C GLY A 275 5.01 3.05 8.72
N ASP A 276 4.73 2.40 7.60
CA ASP A 276 3.36 1.99 7.30
C ASP A 276 3.23 0.47 7.12
N ILE A 277 1.98 0.03 6.95
CA ILE A 277 1.69 -1.40 6.80
C ILE A 277 0.86 -1.60 5.53
N ILE A 278 1.34 -2.47 4.65
N ILE A 278 1.37 -2.44 4.64
CA ILE A 278 0.59 -2.81 3.45
CA ILE A 278 0.62 -2.84 3.46
C ILE A 278 0.07 -4.24 3.56
C ILE A 278 0.06 -4.23 3.71
N TYR A 279 -1.25 -4.40 3.51
CA TYR A 279 -1.88 -5.68 3.76
C TYR A 279 -1.98 -6.50 2.48
N ALA A 280 -1.24 -7.62 2.45
CA ALA A 280 -1.33 -8.60 1.39
C ALA A 280 -2.06 -9.80 1.95
N ASP A 281 -3.36 -9.65 2.16
CA ASP A 281 -4.12 -10.62 2.93
C ASP A 281 -5.44 -10.94 2.24
N GLY A 282 -5.52 -10.57 0.96
CA GLY A 282 -6.74 -10.77 0.18
C GLY A 282 -7.82 -9.75 0.49
N GLY A 283 -7.48 -8.78 1.34
CA GLY A 283 -8.42 -7.78 1.82
C GLY A 283 -9.24 -8.24 3.02
N ALA A 284 -8.88 -9.37 3.61
CA ALA A 284 -9.67 -9.97 4.69
C ALA A 284 -9.83 -9.03 5.88
N HIS A 285 -8.78 -8.30 6.24
CA HIS A 285 -8.84 -7.42 7.42
C HIS A 285 -9.79 -6.23 7.22
N THR A 286 -10.27 -6.03 5.99
CA THR A 286 -11.24 -4.95 5.73
C THR A 286 -12.69 -5.45 5.80
N GLN A 287 -12.86 -6.72 6.16
CA GLN A 287 -14.19 -7.30 6.18
C GLN A 287 -14.46 -7.94 7.52
N LEU A 288 -15.61 -7.64 8.10
CA LEU A 288 -15.96 -8.23 9.39
C LEU A 288 -16.41 -9.67 9.19
N LEU A 289 -17.25 -9.89 8.19
N LEU A 289 -17.26 -9.89 8.19
CA LEU A 289 -17.68 -11.25 7.84
CA LEU A 289 -17.67 -11.22 7.78
C LEU A 289 -17.75 -11.38 6.33
C LEU A 289 -17.70 -11.30 6.26
C THR B 22 8.40 -1.69 -19.24
N GLY B 23 7.22 -1.19 -19.58
CA GLY B 23 6.45 -0.38 -18.64
C GLY B 23 5.78 -1.18 -17.55
N LEU B 24 5.51 -0.53 -16.43
CA LEU B 24 4.81 -1.16 -15.31
C LEU B 24 3.40 -1.59 -15.73
N LEU B 25 2.86 -0.91 -16.73
CA LEU B 25 1.45 -1.04 -17.09
C LEU B 25 1.31 -1.37 -18.56
N ASP B 26 2.35 -1.96 -19.12
CA ASP B 26 2.38 -2.33 -20.53
C ASP B 26 1.16 -3.16 -20.96
N GLY B 27 0.48 -2.71 -22.00
CA GLY B 27 -0.66 -3.43 -22.52
C GLY B 27 -1.96 -3.16 -21.80
N LYS B 28 -1.89 -2.48 -20.65
CA LYS B 28 -3.10 -2.25 -19.85
C LYS B 28 -4.00 -1.16 -20.42
N ARG B 29 -5.32 -1.41 -20.38
CA ARG B 29 -6.29 -0.39 -20.76
C ARG B 29 -6.94 0.17 -19.51
N ILE B 30 -6.84 1.48 -19.33
CA ILE B 30 -7.18 2.11 -18.06
C ILE B 30 -8.01 3.39 -18.23
N LEU B 31 -9.17 3.44 -17.60
CA LEU B 31 -9.99 4.64 -17.61
C LEU B 31 -9.55 5.57 -16.49
N VAL B 32 -9.29 6.83 -16.83
CA VAL B 32 -8.93 7.81 -15.80
C VAL B 32 -9.89 8.99 -15.84
N SER B 33 -10.60 9.18 -14.74
CA SER B 33 -11.50 10.31 -14.59
C SER B 33 -10.80 11.41 -13.83
N GLY B 34 -11.39 12.60 -13.82
CA GLY B 34 -10.98 13.62 -12.87
C GLY B 34 -9.93 14.63 -13.32
N ILE B 35 -9.56 14.62 -14.59
CA ILE B 35 -8.69 15.70 -15.07
C ILE B 35 -9.55 16.94 -15.33
N ILE B 36 -9.15 18.06 -14.72
CA ILE B 36 -9.79 19.34 -15.03
C ILE B 36 -8.74 20.39 -15.42
N THR B 37 -7.57 20.38 -14.77
CA THR B 37 -6.44 21.23 -15.18
C THR B 37 -5.13 20.46 -15.13
N ASP B 38 -4.04 21.14 -15.47
CA ASP B 38 -2.71 20.52 -15.41
C ASP B 38 -2.19 20.34 -13.97
N SER B 39 -2.93 20.84 -12.98
CA SER B 39 -2.54 20.60 -11.60
C SER B 39 -3.37 19.45 -10.98
N SER B 40 -4.35 18.94 -11.72
CA SER B 40 -5.17 17.81 -11.26
C SER B 40 -4.32 16.58 -10.94
N ILE B 41 -4.58 15.94 -9.82
CA ILE B 41 -3.88 14.71 -9.48
C ILE B 41 -4.06 13.71 -10.62
N ALA B 42 -5.27 13.66 -11.19
CA ALA B 42 -5.57 12.73 -12.28
C ALA B 42 -4.73 13.01 -13.52
N PHE B 43 -4.40 14.28 -13.76
CA PHE B 43 -3.53 14.61 -14.90
C PHE B 43 -2.20 13.87 -14.77
N HIS B 44 -1.65 13.88 -13.57
CA HIS B 44 -0.36 13.26 -13.32
C HIS B 44 -0.43 11.73 -13.24
N ILE B 45 -1.52 11.20 -12.73
CA ILE B 45 -1.75 9.76 -12.79
C ILE B 45 -1.73 9.31 -14.26
N ALA B 46 -2.42 10.06 -15.11
CA ALA B 46 -2.49 9.75 -16.54
C ALA B 46 -1.11 9.81 -17.19
N ARG B 47 -0.36 10.86 -16.87
CA ARG B 47 0.99 11.04 -17.42
C ARG B 47 1.89 9.85 -17.11
N VAL B 48 1.95 9.46 -15.83
CA VAL B 48 2.80 8.35 -15.40
C VAL B 48 2.34 7.00 -15.96
N ALA B 49 1.02 6.79 -15.95
CA ALA B 49 0.44 5.59 -16.53
C ALA B 49 0.82 5.45 -17.99
N GLN B 50 0.73 6.54 -18.74
CA GLN B 50 1.12 6.50 -20.16
C GLN B 50 2.60 6.23 -20.34
N GLU B 51 3.43 6.87 -19.52
CA GLU B 51 4.88 6.64 -19.54
C GLU B 51 5.17 5.16 -19.27
N GLN B 52 4.29 4.49 -18.54
CA GLN B 52 4.48 3.07 -18.21
C GLN B 52 3.73 2.11 -19.15
N GLY B 53 3.37 2.59 -20.33
CA GLY B 53 2.80 1.75 -21.36
C GLY B 53 1.29 1.58 -21.36
N ALA B 54 0.59 2.22 -20.43
CA ALA B 54 -0.86 2.10 -20.36
C ALA B 54 -1.54 2.79 -21.54
N GLN B 55 -2.66 2.22 -21.97
CA GLN B 55 -3.51 2.86 -22.97
C GLN B 55 -4.72 3.41 -22.22
N LEU B 56 -5.00 4.69 -22.41
CA LEU B 56 -5.99 5.35 -21.56
C LEU B 56 -7.30 5.68 -22.26
N VAL B 57 -8.35 5.71 -21.45
CA VAL B 57 -9.59 6.37 -21.82
C VAL B 57 -9.83 7.41 -20.72
N LEU B 58 -10.13 8.63 -21.12
CA LEU B 58 -10.29 9.70 -20.16
C LEU B 58 -11.76 10.08 -20.05
N THR B 59 -12.20 10.45 -18.85
CA THR B 59 -13.52 11.08 -18.75
C THR B 59 -13.42 12.47 -18.17
N GLY B 60 -14.26 13.37 -18.67
CA GLY B 60 -14.28 14.73 -18.18
C GLY B 60 -15.69 15.19 -17.80
N PHE B 61 -15.76 16.09 -16.81
CA PHE B 61 -17.03 16.64 -16.38
C PHE B 61 -17.21 18.10 -16.81
N ASP B 62 -18.30 18.39 -17.53
CA ASP B 62 -18.79 19.75 -17.72
C ASP B 62 -17.96 20.63 -18.67
N ARG B 63 -16.73 20.97 -18.29
CA ARG B 63 -15.91 21.87 -19.09
C ARG B 63 -15.02 21.09 -20.08
N LEU B 64 -15.65 20.54 -21.11
N LEU B 64 -15.66 20.54 -21.11
CA LEU B 64 -14.97 19.59 -22.00
CA LEU B 64 -15.04 19.60 -22.03
C LEU B 64 -13.94 20.23 -22.92
C LEU B 64 -13.96 20.23 -22.90
N ARG B 65 -14.19 21.47 -23.33
CA ARG B 65 -13.22 22.21 -24.12
C ARG B 65 -11.92 22.43 -23.33
N LEU B 66 -12.04 22.88 -22.09
CA LEU B 66 -10.89 22.98 -21.18
C LEU B 66 -10.20 21.62 -21.05
N ILE B 67 -10.97 20.59 -20.73
CA ILE B 67 -10.39 19.26 -20.51
C ILE B 67 -9.72 18.74 -21.79
N GLN B 68 -10.31 19.03 -22.94
CA GLN B 68 -9.70 18.62 -24.20
C GLN B 68 -8.28 19.22 -24.37
N ARG B 69 -8.15 20.54 -24.23
CA ARG B 69 -6.83 21.17 -24.41
C ARG B 69 -5.85 20.83 -23.28
N ILE B 70 -6.35 20.59 -22.09
CA ILE B 70 -5.50 20.13 -21.00
C ILE B 70 -4.93 18.73 -21.33
N THR B 71 -5.82 17.79 -21.67
CA THR B 71 -5.39 16.42 -21.94
C THR B 71 -4.50 16.33 -23.18
N ASP B 72 -4.62 17.31 -24.06
CA ASP B 72 -3.75 17.41 -25.25
C ASP B 72 -2.26 17.53 -24.88
N ARG B 73 -1.98 17.84 -23.61
CA ARG B 73 -0.60 17.96 -23.12
C ARG B 73 -0.07 16.69 -22.42
N LEU B 74 -0.86 15.62 -22.43
CA LEU B 74 -0.39 14.32 -21.95
C LEU B 74 0.62 13.73 -22.94
N PRO B 75 1.44 12.78 -22.48
CA PRO B 75 2.44 12.11 -23.35
C PRO B 75 1.86 11.49 -24.62
N ALA B 76 0.64 10.98 -24.56
CA ALA B 76 0.00 10.41 -25.74
C ALA B 76 -1.46 10.82 -25.84
N LYS B 77 -2.00 10.80 -27.05
CA LYS B 77 -3.41 11.08 -27.28
C LYS B 77 -4.28 9.93 -26.78
N ALA B 78 -5.39 10.28 -26.14
CA ALA B 78 -6.32 9.29 -25.60
C ALA B 78 -7.73 9.83 -25.84
N PRO B 79 -8.70 8.94 -26.08
CA PRO B 79 -10.08 9.39 -26.27
C PRO B 79 -10.60 10.07 -25.01
N LEU B 80 -11.39 11.13 -25.16
CA LEU B 80 -12.00 11.82 -24.03
C LEU B 80 -13.51 11.64 -24.07
N LEU B 81 -14.05 11.06 -23.01
CA LEU B 81 -15.50 10.83 -22.91
C LEU B 81 -16.13 11.74 -21.86
N GLU B 82 -17.39 12.11 -22.08
CA GLU B 82 -18.08 12.93 -21.09
C GLU B 82 -18.66 12.07 -19.96
N LEU B 83 -18.50 12.54 -18.73
CA LEU B 83 -19.10 11.85 -17.59
C LEU B 83 -19.37 12.77 -16.42
N ASP B 84 -20.65 13.00 -16.16
CA ASP B 84 -21.13 13.62 -14.95
C ASP B 84 -21.67 12.50 -14.07
N VAL B 85 -20.98 12.22 -12.96
CA VAL B 85 -21.37 11.09 -12.12
C VAL B 85 -22.74 11.30 -11.45
N GLN B 86 -23.29 12.50 -11.57
CA GLN B 86 -24.66 12.75 -11.11
C GLN B 86 -25.66 12.44 -12.21
N ASN B 87 -25.17 12.13 -13.40
CA ASN B 87 -26.03 11.89 -14.56
C ASN B 87 -26.21 10.40 -14.81
N GLU B 88 -27.43 9.92 -14.58
CA GLU B 88 -27.76 8.49 -14.70
C GLU B 88 -27.60 7.96 -16.13
N GLU B 89 -27.94 8.79 -17.10
CA GLU B 89 -27.77 8.46 -18.51
C GLU B 89 -26.29 8.34 -18.87
N HIS B 90 -25.46 9.24 -18.33
CA HIS B 90 -24.02 9.20 -18.56
C HIS B 90 -23.45 7.88 -18.04
N LEU B 91 -23.89 7.50 -16.85
CA LEU B 91 -23.40 6.28 -16.22
C LEU B 91 -23.90 5.04 -16.94
N ALA B 92 -25.16 5.08 -17.39
CA ALA B 92 -25.76 3.92 -18.05
C ALA B 92 -25.12 3.66 -19.41
N SER B 93 -24.62 4.71 -20.06
CA SER B 93 -24.05 4.56 -21.39
C SER B 93 -22.53 4.40 -21.37
N LEU B 94 -21.93 4.55 -20.19
CA LEU B 94 -20.48 4.65 -20.08
C LEU B 94 -19.75 3.42 -20.61
N ALA B 95 -20.22 2.22 -20.23
CA ALA B 95 -19.58 0.98 -20.66
C ALA B 95 -19.55 0.86 -22.18
N GLY B 96 -20.67 1.18 -22.81
CA GLY B 96 -20.76 1.11 -24.27
C GLY B 96 -19.89 2.16 -24.94
N ARG B 97 -19.85 3.37 -24.36
CA ARG B 97 -19.01 4.42 -24.93
C ARG B 97 -17.52 4.08 -24.77
N VAL B 98 -17.15 3.51 -23.63
CA VAL B 98 -15.79 3.05 -23.42
C VAL B 98 -15.43 1.94 -24.41
N THR B 99 -16.39 1.05 -24.68
CA THR B 99 -16.16 -0.08 -25.56
C THR B 99 -15.94 0.41 -26.98
N GLU B 100 -16.69 1.43 -27.37
CA GLU B 100 -16.52 2.05 -28.69
C GLU B 100 -15.14 2.70 -28.76
N ALA B 101 -14.68 3.23 -27.63
CA ALA B 101 -13.37 3.87 -27.57
C ALA B 101 -12.21 2.87 -27.67
N ILE B 102 -12.33 1.73 -27.00
CA ILE B 102 -11.23 0.76 -27.01
C ILE B 102 -11.38 -0.41 -27.99
N GLY B 103 -12.53 -0.47 -28.67
CA GLY B 103 -12.78 -1.54 -29.64
C GLY B 103 -13.52 -2.72 -29.02
N ALA B 104 -14.43 -3.30 -29.80
CA ALA B 104 -15.21 -4.46 -29.36
C ALA B 104 -14.30 -5.64 -29.01
N GLY B 105 -14.66 -6.37 -27.96
CA GLY B 105 -13.85 -7.48 -27.52
C GLY B 105 -12.78 -7.10 -26.51
N ASN B 106 -12.36 -5.84 -26.48
CA ASN B 106 -11.40 -5.41 -25.47
C ASN B 106 -12.11 -4.98 -24.19
N LYS B 107 -11.39 -5.12 -23.09
CA LYS B 107 -11.90 -4.72 -21.79
C LYS B 107 -10.90 -3.83 -21.04
N LEU B 108 -11.37 -3.18 -19.98
CA LEU B 108 -10.54 -2.36 -19.12
C LEU B 108 -9.83 -3.21 -18.09
N ASP B 109 -8.56 -2.89 -17.86
CA ASP B 109 -7.80 -3.50 -16.78
C ASP B 109 -7.77 -2.57 -15.57
N GLY B 110 -8.11 -1.31 -15.78
CA GLY B 110 -8.03 -0.33 -14.71
C GLY B 110 -9.03 0.79 -14.81
N VAL B 111 -9.41 1.30 -13.64
CA VAL B 111 -10.31 2.44 -13.53
C VAL B 111 -9.78 3.34 -12.42
N VAL B 112 -9.61 4.62 -12.74
CA VAL B 112 -9.21 5.58 -11.72
C VAL B 112 -10.34 6.56 -11.46
N HIS B 113 -10.77 6.61 -10.20
CA HIS B 113 -11.75 7.57 -9.73
C HIS B 113 -10.98 8.70 -9.05
N SER B 114 -10.95 9.87 -9.68
CA SER B 114 -10.23 10.99 -9.08
C SER B 114 -11.15 12.20 -9.04
N ILE B 115 -12.24 12.02 -8.32
CA ILE B 115 -13.37 12.93 -8.38
C ILE B 115 -13.78 13.32 -6.96
N GLY B 116 -13.88 14.63 -6.72
CA GLY B 116 -14.31 15.12 -5.44
C GLY B 116 -14.95 16.48 -5.59
N PHE B 117 -15.93 16.73 -4.74
CA PHE B 117 -16.59 18.02 -4.69
C PHE B 117 -17.34 18.14 -3.39
N MET B 118 -17.30 19.32 -2.81
CA MET B 118 -18.13 19.66 -1.68
C MET B 118 -18.38 21.15 -1.81
N PRO B 119 -19.67 21.56 -1.84
CA PRO B 119 -19.94 23.00 -1.93
C PRO B 119 -19.26 23.79 -0.81
N GLN B 120 -19.05 25.07 -1.08
CA GLN B 120 -18.30 25.96 -0.19
C GLN B 120 -18.90 26.06 1.21
N THR B 121 -20.24 26.04 1.29
CA THR B 121 -20.93 26.01 2.57
C THR B 121 -20.51 24.84 3.45
N GLY B 122 -19.97 23.78 2.85
CA GLY B 122 -19.60 22.61 3.60
C GLY B 122 -18.14 22.58 3.99
N MET B 123 -17.43 23.70 3.76
CA MET B 123 -16.01 23.79 4.10
C MET B 123 -15.64 25.16 4.68
N GLY B 124 -14.34 25.36 4.93
CA GLY B 124 -13.82 26.67 5.28
C GLY B 124 -14.29 27.22 6.61
N ILE B 125 -14.43 28.55 6.66
CA ILE B 125 -14.88 29.20 7.88
C ILE B 125 -16.39 29.17 8.04
N ASN B 126 -17.12 28.75 7.01
CA ASN B 126 -18.56 28.60 7.15
CA ASN B 126 -18.58 28.59 7.16
C ASN B 126 -18.81 27.60 8.28
N PRO B 127 -19.61 27.99 9.29
CA PRO B 127 -19.78 27.09 10.43
C PRO B 127 -20.22 25.69 10.01
N PHE B 128 -19.63 24.68 10.65
CA PHE B 128 -19.95 23.28 10.36
C PHE B 128 -21.45 23.02 10.41
N PHE B 129 -22.13 23.65 11.37
CA PHE B 129 -23.57 23.47 11.56
C PHE B 129 -24.41 24.19 10.49
N ASP B 130 -23.77 25.00 9.66
CA ASP B 130 -24.54 25.83 8.72
C ASP B 130 -24.60 25.30 7.30
N ALA B 131 -23.97 24.16 7.05
CA ALA B 131 -24.04 23.54 5.73
C ALA B 131 -25.41 22.91 5.54
N PRO B 132 -26.19 23.38 4.55
CA PRO B 132 -27.51 22.77 4.32
C PRO B 132 -27.33 21.34 3.82
N TYR B 133 -28.24 20.44 4.18
CA TYR B 133 -28.09 19.05 3.76
C TYR B 133 -28.10 18.88 2.25
N ALA B 134 -28.86 19.72 1.55
CA ALA B 134 -28.87 19.66 0.08
C ALA B 134 -27.45 19.82 -0.47
N ASP B 135 -26.65 20.66 0.18
CA ASP B 135 -25.27 20.87 -0.23
C ASP B 135 -24.40 19.68 0.12
N VAL B 136 -24.51 19.23 1.36
CA VAL B 136 -23.73 18.10 1.81
C VAL B 136 -24.01 16.86 0.96
N SER B 137 -25.29 16.65 0.66
CA SER B 137 -25.76 15.48 -0.08
C SER B 137 -25.19 15.46 -1.50
N LYS B 138 -25.17 16.63 -2.14
CA LYS B 138 -24.49 16.77 -3.42
C LYS B 138 -23.01 16.39 -3.34
N GLY B 139 -22.34 16.85 -2.29
CA GLY B 139 -20.92 16.53 -2.11
C GLY B 139 -20.68 15.05 -1.85
N ILE B 140 -21.55 14.41 -1.08
CA ILE B 140 -21.42 12.99 -0.82
C ILE B 140 -21.74 12.17 -2.09
N HIS B 141 -22.73 12.65 -2.84
CA HIS B 141 -23.08 12.04 -4.12
C HIS B 141 -21.84 11.95 -5.01
N ILE B 142 -21.24 13.10 -5.27
CA ILE B 142 -20.11 13.19 -6.17
C ILE B 142 -18.84 12.54 -5.58
N SER B 143 -18.58 12.77 -4.30
CA SER B 143 -17.32 12.37 -3.71
C SER B 143 -17.28 10.92 -3.23
N ALA B 144 -18.44 10.36 -2.85
CA ALA B 144 -18.45 9.00 -2.30
C ALA B 144 -19.30 8.01 -3.07
N TYR B 145 -20.59 8.32 -3.26
CA TYR B 145 -21.49 7.38 -3.94
C TYR B 145 -21.04 7.05 -5.35
N SER B 146 -20.50 8.04 -6.06
CA SER B 146 -20.08 7.89 -7.44
C SER B 146 -18.98 6.84 -7.59
N TYR B 147 -18.26 6.56 -6.51
CA TYR B 147 -17.28 5.48 -6.52
C TYR B 147 -17.98 4.12 -6.72
N ALA B 148 -19.08 3.91 -6.01
CA ALA B 148 -19.90 2.72 -6.23
C ALA B 148 -20.50 2.71 -7.64
N SER B 149 -21.08 3.83 -8.07
CA SER B 149 -21.82 3.83 -9.32
C SER B 149 -20.89 3.70 -10.55
N MET B 150 -19.68 4.24 -10.45
N MET B 150 -19.68 4.23 -10.43
CA MET B 150 -18.70 4.04 -11.53
CA MET B 150 -18.68 4.06 -11.49
C MET B 150 -18.25 2.58 -11.58
C MET B 150 -18.29 2.58 -11.57
N ALA B 151 -18.08 1.95 -10.41
CA ALA B 151 -17.74 0.55 -10.33
C ALA B 151 -18.84 -0.30 -10.93
N LYS B 152 -20.08 0.03 -10.58
CA LYS B 152 -21.23 -0.65 -11.16
C LYS B 152 -21.21 -0.53 -12.69
N ALA B 153 -20.94 0.68 -13.17
CA ALA B 153 -20.93 0.93 -14.60
C ALA B 153 -19.85 0.15 -15.34
N LEU B 154 -18.66 0.04 -14.75
CA LEU B 154 -17.48 -0.43 -15.48
C LEU B 154 -17.05 -1.89 -15.22
N LEU B 155 -17.37 -2.42 -14.05
CA LEU B 155 -17.06 -3.82 -13.75
C LEU B 155 -17.44 -4.85 -14.85
N PRO B 156 -18.63 -4.70 -15.49
CA PRO B 156 -18.96 -5.69 -16.53
C PRO B 156 -18.05 -5.64 -17.76
N ILE B 157 -17.23 -4.60 -17.89
CA ILE B 157 -16.25 -4.57 -18.98
C ILE B 157 -14.84 -4.51 -18.45
N MET B 158 -14.62 -5.07 -17.26
CA MET B 158 -13.26 -5.18 -16.73
C MET B 158 -12.73 -6.63 -16.78
N ASN B 159 -11.44 -6.76 -17.08
CA ASN B 159 -10.75 -8.05 -17.02
C ASN B 159 -10.46 -8.51 -15.59
N PRO B 160 -10.44 -9.83 -15.36
CA PRO B 160 -9.93 -10.38 -14.12
C PRO B 160 -8.50 -9.89 -13.94
N GLY B 161 -8.07 -9.65 -12.70
CA GLY B 161 -6.75 -9.10 -12.46
C GLY B 161 -6.80 -7.57 -12.43
N GLY B 162 -7.96 -7.03 -12.81
CA GLY B 162 -8.16 -5.60 -12.90
C GLY B 162 -8.10 -4.86 -11.58
N SER B 163 -8.13 -3.52 -11.67
CA SER B 163 -7.91 -2.68 -10.50
C SER B 163 -8.70 -1.37 -10.56
N ILE B 164 -9.48 -1.11 -9.52
CA ILE B 164 -10.16 0.18 -9.40
C ILE B 164 -9.49 0.96 -8.27
N VAL B 165 -9.16 2.21 -8.53
CA VAL B 165 -8.52 3.05 -7.54
C VAL B 165 -9.22 4.40 -7.39
N GLY B 166 -9.43 4.81 -6.14
CA GLY B 166 -9.97 6.14 -5.86
C GLY B 166 -9.06 6.98 -4.98
N MET B 167 -9.32 8.27 -4.91
CA MET B 167 -8.48 9.18 -4.14
C MET B 167 -9.11 9.56 -2.81
N ASP B 168 -8.30 9.49 -1.76
CA ASP B 168 -8.78 9.69 -0.40
C ASP B 168 -7.91 10.75 0.25
N PHE B 169 -8.48 11.45 1.22
CA PHE B 169 -7.68 12.30 2.11
C PHE B 169 -8.06 11.88 3.52
N ASP B 170 -7.09 11.28 4.22
CA ASP B 170 -7.34 10.59 5.50
C ASP B 170 -8.28 11.34 6.44
N PRO B 171 -9.46 10.77 6.69
CA PRO B 171 -10.48 11.44 7.50
C PRO B 171 -10.67 10.79 8.86
N SER B 172 -9.72 9.96 9.29
CA SER B 172 -9.83 9.26 10.58
CA SER B 172 -9.88 9.26 10.57
C SER B 172 -9.91 10.22 11.76
N ARG B 173 -9.39 11.43 11.56
N ARG B 173 -9.39 11.43 11.57
CA ARG B 173 -9.46 12.48 12.56
CA ARG B 173 -9.45 12.46 12.60
C ARG B 173 -10.08 13.72 11.93
C ARG B 173 -9.94 13.77 11.99
N ALA B 174 -10.68 14.56 12.77
CA ALA B 174 -11.21 15.83 12.30
C ALA B 174 -10.11 16.89 12.18
N MET B 175 -10.38 17.96 11.45
CA MET B 175 -9.37 18.99 11.20
C MET B 175 -10.09 20.25 10.76
N PRO B 176 -9.42 21.41 10.84
CA PRO B 176 -10.11 22.65 10.41
C PRO B 176 -10.45 22.64 8.93
N ALA B 177 -11.53 23.35 8.60
CA ALA B 177 -11.85 23.73 7.22
C ALA B 177 -12.33 22.59 6.30
N TYR B 178 -11.80 21.39 6.47
CA TYR B 178 -12.17 20.27 5.59
C TYR B 178 -13.64 19.86 5.83
N ASN B 179 -14.08 19.99 7.08
CA ASN B 179 -15.49 19.91 7.45
C ASN B 179 -16.26 18.76 6.82
N TRP B 180 -17.25 19.09 5.99
CA TRP B 180 -18.12 18.05 5.45
C TRP B 180 -17.45 17.20 4.37
N MET B 181 -16.35 17.69 3.79
CA MET B 181 -15.61 16.87 2.85
C MET B 181 -14.94 15.71 3.61
N THR B 182 -14.52 15.98 4.85
CA THR B 182 -14.04 14.92 5.73
C THR B 182 -15.08 13.82 5.86
N VAL B 183 -16.32 14.21 6.11
CA VAL B 183 -17.43 13.28 6.27
C VAL B 183 -17.65 12.48 4.98
N ALA B 184 -17.50 13.14 3.84
CA ALA B 184 -17.62 12.51 2.53
C ALA B 184 -16.54 11.46 2.31
N LYS B 185 -15.33 11.75 2.79
CA LYS B 185 -14.20 10.84 2.61
C LYS B 185 -14.34 9.63 3.53
N SER B 186 -14.86 9.84 4.74
CA SER B 186 -15.15 8.75 5.64
C SER B 186 -16.19 7.82 4.98
N ALA B 187 -17.16 8.41 4.32
CA ALA B 187 -18.17 7.64 3.59
C ALA B 187 -17.53 6.87 2.43
N LEU B 188 -16.66 7.55 1.69
CA LEU B 188 -15.92 6.94 0.58
C LEU B 188 -15.14 5.70 1.02
N GLU B 189 -14.44 5.80 2.15
CA GLU B 189 -13.69 4.66 2.67
C GLU B 189 -14.60 3.46 2.93
N SER B 190 -15.79 3.73 3.45
CA SER B 190 -16.72 2.67 3.75
C SER B 190 -17.26 2.09 2.45
N VAL B 191 -17.60 2.97 1.49
CA VAL B 191 -18.04 2.53 0.18
C VAL B 191 -17.01 1.62 -0.52
N ASN B 192 -15.75 2.01 -0.41
CA ASN B 192 -14.65 1.27 -1.00
C ASN B 192 -14.59 -0.19 -0.51
N ARG B 193 -14.81 -0.38 0.79
CA ARG B 193 -14.82 -1.73 1.33
C ARG B 193 -15.96 -2.58 0.75
N PHE B 194 -17.09 -1.97 0.41
CA PHE B 194 -18.19 -2.72 -0.20
C PHE B 194 -17.98 -2.94 -1.69
N VAL B 195 -17.39 -1.96 -2.37
CA VAL B 195 -17.07 -2.10 -3.78
C VAL B 195 -16.12 -3.27 -4.01
N ALA B 196 -15.16 -3.44 -3.10
CA ALA B 196 -14.25 -4.57 -3.11
C ALA B 196 -14.98 -5.92 -3.06
N ARG B 197 -16.03 -6.02 -2.24
CA ARG B 197 -16.82 -7.25 -2.20
C ARG B 197 -17.42 -7.54 -3.56
N GLU B 198 -17.93 -6.50 -4.24
CA GLU B 198 -18.53 -6.70 -5.56
C GLU B 198 -17.46 -6.96 -6.61
N ALA B 199 -16.40 -6.17 -6.57
CA ALA B 199 -15.31 -6.25 -7.54
C ALA B 199 -14.61 -7.60 -7.52
N GLY B 200 -14.45 -8.16 -6.34
CA GLY B 200 -13.82 -9.46 -6.18
C GLY B 200 -14.47 -10.59 -6.96
N LYS B 201 -15.78 -10.46 -7.22
CA LYS B 201 -16.53 -11.45 -7.99
C LYS B 201 -16.11 -11.48 -9.46
N TYR B 202 -15.48 -10.40 -9.90
CA TYR B 202 -14.94 -10.28 -11.25
C TYR B 202 -13.42 -10.51 -11.26
N GLY B 203 -12.82 -10.73 -10.09
CA GLY B 203 -11.38 -10.86 -9.98
C GLY B 203 -10.72 -9.49 -10.01
N VAL B 204 -11.49 -8.48 -9.61
CA VAL B 204 -11.02 -7.09 -9.62
C VAL B 204 -10.80 -6.54 -8.21
N ARG B 205 -9.69 -5.84 -8.01
CA ARG B 205 -9.39 -5.20 -6.75
C ARG B 205 -9.96 -3.77 -6.70
N SER B 206 -10.28 -3.34 -5.48
CA SER B 206 -10.73 -1.97 -5.26
C SER B 206 -9.96 -1.38 -4.08
N ASN B 207 -9.33 -0.21 -4.29
CA ASN B 207 -8.56 0.43 -3.22
C ASN B 207 -8.57 1.95 -3.34
N LEU B 208 -8.21 2.61 -2.25
CA LEU B 208 -8.04 4.06 -2.25
C LEU B 208 -6.59 4.40 -1.98
N VAL B 209 -6.12 5.48 -2.57
CA VAL B 209 -4.85 6.08 -2.19
C VAL B 209 -5.15 7.32 -1.36
N ALA B 210 -4.71 7.31 -0.09
CA ALA B 210 -4.79 8.50 0.76
C ALA B 210 -3.54 9.35 0.53
N ALA B 211 -3.70 10.43 -0.23
CA ALA B 211 -2.57 11.29 -0.57
C ALA B 211 -2.35 12.34 0.50
N GLY B 212 -1.11 12.74 0.68
CA GLY B 212 -0.84 13.97 1.40
C GLY B 212 -1.38 15.16 0.61
N PRO B 213 -1.39 16.35 1.23
CA PRO B 213 -1.95 17.55 0.60
C PRO B 213 -1.11 17.99 -0.59
N ILE B 214 -1.78 18.26 -1.71
CA ILE B 214 -1.10 18.60 -2.95
C ILE B 214 -1.52 20.00 -3.36
N ARG B 215 -0.54 20.83 -3.73
CA ARG B 215 -0.82 22.21 -4.13
C ARG B 215 -1.49 22.27 -5.49
N THR B 216 -2.76 21.92 -5.52
CA THR B 216 -3.57 22.16 -6.70
C THR B 216 -3.92 23.64 -6.69
N LEU B 217 -4.54 24.09 -7.78
CA LEU B 217 -5.02 25.48 -7.84
C LEU B 217 -5.93 25.78 -6.65
N ALA B 218 -6.86 24.87 -6.36
CA ALA B 218 -7.76 25.03 -5.20
C ALA B 218 -7.01 25.11 -3.88
N MET B 219 -6.05 24.22 -3.65
CA MET B 219 -5.24 24.25 -2.44
C MET B 219 -4.58 25.60 -2.23
N SER B 220 -3.91 26.10 -3.26
CA SER B 220 -3.24 27.41 -3.16
C SER B 220 -4.25 28.50 -2.82
N ALA B 221 -5.42 28.44 -3.45
CA ALA B 221 -6.47 29.40 -3.19
C ALA B 221 -6.87 29.39 -1.71
N ILE B 222 -7.06 28.17 -1.18
CA ILE B 222 -7.42 27.99 0.23
C ILE B 222 -6.36 28.53 1.18
N VAL B 223 -5.09 28.22 0.92
CA VAL B 223 -4.01 28.76 1.73
C VAL B 223 -4.01 30.29 1.65
N GLY B 224 -4.40 30.82 0.49
CA GLY B 224 -4.48 32.25 0.28
C GLY B 224 -5.76 32.92 0.76
N GLY B 225 -6.60 32.18 1.50
CA GLY B 225 -7.78 32.74 2.13
C GLY B 225 -9.10 32.68 1.37
N ALA B 226 -9.19 31.82 0.35
CA ALA B 226 -10.38 31.75 -0.50
C ALA B 226 -11.59 31.20 0.25
N LEU B 227 -11.36 30.36 1.25
CA LEU B 227 -12.44 29.86 2.09
C LEU B 227 -12.43 30.57 3.46
N GLY B 228 -11.87 31.77 3.50
CA GLY B 228 -11.77 32.51 4.74
C GLY B 228 -10.35 32.55 5.28
N GLU B 229 -10.00 33.67 5.90
CA GLU B 229 -8.64 33.89 6.39
C GLU B 229 -8.22 32.93 7.50
N GLU B 230 -9.11 32.65 8.45
CA GLU B 230 -8.79 31.72 9.54
C GLU B 230 -8.53 30.31 9.00
N ALA B 231 -9.36 29.87 8.06
CA ALA B 231 -9.16 28.59 7.41
C ALA B 231 -7.83 28.54 6.69
N GLY B 232 -7.51 29.63 5.98
CA GLY B 232 -6.25 29.73 5.25
C GLY B 232 -5.05 29.52 6.14
N ALA B 233 -5.04 30.23 7.27
CA ALA B 233 -3.96 30.12 8.24
C ALA B 233 -3.83 28.71 8.81
N GLN B 234 -4.97 28.06 9.04
N GLN B 234 -4.96 28.05 9.05
CA GLN B 234 -4.99 26.72 9.60
CA GLN B 234 -4.93 26.70 9.61
C GLN B 234 -4.43 25.70 8.61
C GLN B 234 -4.40 25.70 8.60
N ILE B 235 -4.80 25.87 7.34
CA ILE B 235 -4.39 24.93 6.30
C ILE B 235 -2.92 25.16 5.92
N GLN B 236 -2.48 26.42 5.95
CA GLN B 236 -1.04 26.71 5.85
C GLN B 236 -0.22 25.89 6.88
N LEU B 237 -0.68 25.89 8.13
CA LEU B 237 -0.06 25.13 9.21
C LEU B 237 -0.14 23.62 8.99
N LEU B 238 -1.29 23.15 8.50
CA LEU B 238 -1.46 21.74 8.12
C LEU B 238 -0.40 21.26 7.12
N GLU B 239 -0.21 22.04 6.05
CA GLU B 239 0.80 21.76 5.03
C GLU B 239 2.19 21.64 5.61
N GLU B 240 2.56 22.60 6.44
CA GLU B 240 3.90 22.65 7.00
C GLU B 240 4.13 21.52 8.00
N GLY B 241 3.12 21.24 8.83
CA GLY B 241 3.22 20.17 9.81
C GLY B 241 3.28 18.81 9.13
N TRP B 242 2.67 18.74 7.94
CA TRP B 242 2.64 17.51 7.18
C TRP B 242 4.05 17.10 6.78
N ASP B 243 4.78 18.02 6.16
CA ASP B 243 6.17 17.75 5.82
C ASP B 243 7.04 17.50 7.07
N GLN B 244 6.79 18.27 8.13
CA GLN B 244 7.51 18.06 9.39
C GLN B 244 7.36 16.63 9.92
N ARG B 245 6.11 16.14 9.93
CA ARG B 245 5.81 14.83 10.48
C ARG B 245 6.22 13.65 9.57
N ALA B 246 6.37 13.91 8.27
CA ALA B 246 6.65 12.85 7.31
C ALA B 246 8.11 12.39 7.37
N PRO B 247 8.34 11.13 7.77
CA PRO B 247 9.74 10.69 7.96
C PRO B 247 10.60 10.82 6.70
N ILE B 248 10.00 10.65 5.52
CA ILE B 248 10.74 10.94 4.28
C ILE B 248 10.46 12.33 3.72
N GLY B 249 9.76 13.17 4.48
CA GLY B 249 9.42 14.50 3.98
C GLY B 249 8.25 14.43 3.01
N TRP B 250 7.72 15.60 2.64
CA TRP B 250 6.56 15.66 1.78
C TRP B 250 6.62 16.91 0.91
N ASN B 251 6.72 16.70 -0.40
CA ASN B 251 6.74 17.80 -1.36
C ASN B 251 5.35 18.06 -1.89
N MET B 252 4.67 19.05 -1.31
CA MET B 252 3.30 19.37 -1.71
C MET B 252 3.18 19.90 -3.13
N LYS B 253 4.30 20.26 -3.76
CA LYS B 253 4.23 20.78 -5.12
C LYS B 253 4.45 19.68 -6.16
N ASP B 254 4.46 18.42 -5.72
CA ASP B 254 4.82 17.32 -6.61
C ASP B 254 3.88 16.15 -6.45
N ALA B 255 3.00 15.99 -7.41
CA ALA B 255 1.99 14.92 -7.34
C ALA B 255 2.54 13.57 -7.83
N THR B 256 3.74 13.59 -8.41
CA THR B 256 4.32 12.36 -8.97
C THR B 256 4.36 11.13 -8.03
N PRO B 257 4.80 11.31 -6.77
CA PRO B 257 4.79 10.16 -5.86
C PRO B 257 3.37 9.59 -5.68
N VAL B 258 2.36 10.46 -5.70
CA VAL B 258 0.98 10.02 -5.59
C VAL B 258 0.56 9.26 -6.86
N ALA B 259 0.96 9.77 -8.02
CA ALA B 259 0.69 9.13 -9.30
C ALA B 259 1.33 7.74 -9.37
N LYS B 260 2.59 7.64 -8.96
CA LYS B 260 3.29 6.36 -8.94
C LYS B 260 2.56 5.33 -8.08
N THR B 261 2.04 5.79 -6.95
CA THR B 261 1.37 4.91 -6.01
C THR B 261 0.09 4.35 -6.62
N VAL B 262 -0.66 5.22 -7.29
CA VAL B 262 -1.84 4.80 -8.01
C VAL B 262 -1.48 3.74 -9.05
N CYS B 263 -0.39 3.97 -9.78
CA CYS B 263 0.05 3.03 -10.80
C CYS B 263 0.49 1.70 -10.21
N ALA B 264 1.06 1.75 -9.00
CA ALA B 264 1.38 0.55 -8.24
C ALA B 264 0.15 -0.30 -8.03
N LEU B 265 -0.96 0.34 -7.66
CA LEU B 265 -2.20 -0.39 -7.42
C LEU B 265 -2.83 -0.87 -8.72
N LEU B 266 -2.60 -0.13 -9.80
CA LEU B 266 -3.12 -0.52 -11.10
C LEU B 266 -2.33 -1.69 -11.70
N SER B 267 -1.12 -1.89 -11.19
CA SER B 267 -0.22 -2.89 -11.70
C SER B 267 -0.54 -4.27 -11.12
N ASP B 268 0.17 -5.27 -11.60
CA ASP B 268 0.05 -6.64 -11.10
C ASP B 268 0.82 -6.87 -9.79
N TRP B 269 1.44 -5.83 -9.24
CA TRP B 269 2.36 -6.00 -8.12
C TRP B 269 1.75 -5.86 -6.71
N LEU B 270 0.47 -5.53 -6.65
CA LEU B 270 -0.24 -5.58 -5.37
C LEU B 270 -1.51 -6.45 -5.51
N PRO B 271 -1.32 -7.73 -5.88
CA PRO B 271 -2.46 -8.56 -6.28
C PRO B 271 -3.33 -9.02 -5.12
N ALA B 272 -2.86 -8.88 -3.89
CA ALA B 272 -3.61 -9.38 -2.73
C ALA B 272 -4.10 -8.27 -1.80
N THR B 273 -4.21 -7.06 -2.34
CA THR B 273 -4.68 -5.92 -1.58
C THR B 273 -5.99 -5.42 -2.18
N THR B 274 -7.05 -5.40 -1.38
CA THR B 274 -8.35 -4.90 -1.84
C THR B 274 -9.20 -4.40 -0.66
N GLY B 275 -10.13 -3.52 -0.96
CA GLY B 275 -10.97 -2.88 0.06
C GLY B 275 -10.16 -2.00 0.99
N ASP B 276 -8.96 -1.63 0.54
CA ASP B 276 -7.97 -1.09 1.43
C ASP B 276 -7.55 0.34 1.07
N ILE B 277 -6.65 0.89 1.89
CA ILE B 277 -6.18 2.25 1.70
C ILE B 277 -4.67 2.26 1.78
N ILE B 278 -4.03 2.82 0.76
N ILE B 278 -4.05 2.78 0.72
CA ILE B 278 -2.59 2.91 0.74
CA ILE B 278 -2.60 2.93 0.69
C ILE B 278 -2.17 4.37 0.83
C ILE B 278 -2.33 4.40 0.97
N TYR B 279 -1.38 4.67 1.85
CA TYR B 279 -1.07 6.05 2.19
C TYR B 279 0.15 6.54 1.46
N ALA B 280 -0.08 7.44 0.49
CA ALA B 280 0.99 8.12 -0.21
C ALA B 280 1.10 9.54 0.37
N ASP B 281 1.58 9.61 1.61
CA ASP B 281 1.56 10.85 2.38
C ASP B 281 2.88 11.15 3.05
N GLY B 282 3.95 10.52 2.60
CA GLY B 282 5.27 10.74 3.19
C GLY B 282 5.44 10.01 4.51
N GLY B 283 4.43 9.22 4.89
CA GLY B 283 4.40 8.54 6.17
C GLY B 283 3.88 9.43 7.31
N ALA B 284 3.36 10.60 6.97
CA ALA B 284 2.92 11.56 7.99
C ALA B 284 1.86 11.02 8.94
N HIS B 285 0.91 10.23 8.43
CA HIS B 285 -0.16 9.72 9.28
C HIS B 285 0.34 8.70 10.31
N THR B 286 1.61 8.31 10.22
CA THR B 286 2.17 7.32 11.16
C THR B 286 2.89 8.01 12.32
N GLN B 287 2.88 9.34 12.30
CA GLN B 287 3.67 10.13 13.23
C GLN B 287 2.81 11.19 13.89
N LEU B 288 2.88 11.26 15.22
CA LEU B 288 2.08 12.21 15.96
C LEU B 288 2.71 13.58 15.85
N LEU B 289 4.04 13.57 15.81
CA LEU B 289 4.81 14.80 15.79
C LEU B 289 6.23 14.41 15.39
PA NAD C . 9.91 -19.43 8.51
O1A NAD C . 10.22 -20.15 7.05
O2A NAD C . 10.22 -20.32 9.63
O5B NAD C . 10.75 -18.01 8.59
C5B NAD C . 11.14 -17.52 9.84
C4B NAD C . 12.62 -17.17 9.84
O4B NAD C . 13.11 -16.57 11.10
C3B NAD C . 13.56 -18.46 9.61
O3B NAD C . 14.29 -18.46 8.41
C2B NAD C . 14.40 -18.45 10.88
O2B NAD C . 15.62 -19.11 10.80
C1B NAD C . 14.44 -16.99 11.14
N9A NAD C . 14.95 -16.76 12.50
C8A NAD C . 14.43 -17.27 13.68
N7A NAD C . 15.30 -16.86 14.74
C5A NAD C . 16.37 -16.11 14.18
C6A NAD C . 17.51 -15.48 14.75
N6A NAD C . 17.74 -15.58 16.19
N1A NAD C . 18.38 -14.83 13.96
C2A NAD C . 18.16 -14.75 12.55
N3A NAD C . 17.03 -15.38 11.98
C4A NAD C . 16.17 -16.04 12.79
O3 NAD C . 8.28 -19.08 8.59
PN NAD C . 7.64 -17.85 7.68
O1N NAD C . 8.38 -17.74 6.21
O2N NAD C . 6.21 -18.15 7.56
O5D NAD C . 7.86 -16.43 8.51
C5D NAD C . 8.64 -15.39 7.93
C4D NAD C . 8.09 -14.04 8.41
O4D NAD C . 6.70 -13.83 8.02
C3D NAD C . 8.02 -13.89 9.98
O3D NAD C . 8.35 -12.66 10.55
C2D NAD C . 6.56 -14.32 10.31
O2D NAD C . 6.15 -14.09 11.62
C1D NAD C . 5.91 -13.58 9.16
N1N NAD C . 4.50 -13.97 8.86
C2N NAD C . 4.15 -15.36 8.59
C3N NAD C . 2.79 -15.69 8.22
C7N NAD C . 2.46 -17.15 7.93
O7N NAD C . 1.35 -17.50 7.81
N7N NAD C . 3.59 -18.04 7.64
C4N NAD C . 1.72 -14.65 8.09
C5N NAD C . 2.09 -13.27 8.34
C6N NAD C . 3.46 -12.92 8.73
OAA 1S5 D . 3.83 -14.94 12.28
CAB 1S5 D . 3.25 -16.09 11.78
CAC 1S5 D . 4.03 -17.21 11.56
OAD 1S5 D . 5.42 -17.17 11.75
CAE 1S5 D . 5.90 -17.73 12.93
CAF 1S5 D . 7.26 -18.02 13.01
CAG 1S5 D . 8.16 -17.71 11.81
CAH 1S5 D . 1.91 -16.12 11.55
CAI 1S5 D . 3.43 -18.38 11.08
CAJ 1S5 D . 5.06 -17.98 14.02
CAK 1S5 D . 7.82 -18.58 14.19
CAL 1S5 D . 1.32 -17.29 11.06
NAM 1S5 D . 2.10 -18.39 10.79
CAN 1S5 D . 5.60 -18.52 15.19
CAO 1S5 D . 6.97 -18.82 15.27
NAP 1S5 D . 7.51 -19.42 16.48
CAQ 1S5 D . -0.19 -17.34 10.87
CAR 1S5 D . 1.51 -19.61 10.27
CAS 1S5 D . -1.00 -17.54 12.15
CAT 1S5 D . -2.46 -17.97 12.05
CAU 1S5 D . -3.36 -17.74 13.27
CAV 1S5 D . -4.80 -18.22 13.16
CAW 1S5 D . -5.95 -17.31 13.59
CL CL E . 29.50 -15.09 6.87
C12 2NV F . 4.22 -23.50 0.70
O13 2NV F . 4.90 -22.23 0.63
C14 2NV F . 4.19 -21.30 -0.19
C15 2NV F . 4.89 -21.19 -1.54
O16 2NV F . 3.99 -20.86 -2.59
C17 2NV F . 4.64 -21.00 -3.86
C18 2NV F . 3.74 -21.69 -4.89
C8 2NV G . -11.38 -14.15 9.77
C9 2NV G . -10.72 -15.50 10.08
O10 2NV G . -11.24 -16.48 9.18
C11 2NV G . -11.31 -17.78 9.77
C12 2NV G . -12.79 -18.07 10.00
O13 2NV G . -13.02 -19.48 10.03
C14 2NV G . -14.41 -19.76 9.99
C15 2NV G . -14.70 -21.01 9.15
O16 2NV G . -15.13 -20.64 7.83
C17 2NV G . -15.75 -21.72 7.14
C18 2NV G . -16.46 -21.19 5.89
N1 2NV H . -8.22 -21.98 16.08
C2 2NV H . -7.40 -21.34 15.05
C3 2NV H . -8.27 -20.86 13.88
O4 2NV H . -9.19 -21.89 13.47
C5 2NV H . -10.28 -21.35 12.72
C6 2NV H . -11.42 -22.37 12.66
C2A 2NV H . -6.31 -22.30 14.57
C2 2NV I . 4.60 -9.89 -13.64
C3 2NV I . 4.10 -8.79 -14.59
O4 2NV I . 4.72 -7.54 -14.27
C5 2NV I . 5.28 -6.92 -15.44
C6 2NV I . 5.67 -5.46 -15.20
O7 2NV I . 6.91 -5.34 -14.48
C8 2NV I . 7.77 -4.37 -15.09
C9 2NV I . 8.11 -3.25 -14.10
O10 2NV I . 8.92 -2.24 -14.71
C11 2NV I . 8.77 -0.99 -14.04
C12 2NV I . 10.01 -0.10 -14.19
O13 2NV I . 10.59 0.11 -12.90
C14 2NV I . 11.22 1.38 -12.75
C2A 2NV I . 3.46 -10.72 -13.07
PA NAD J . -9.24 18.59 -9.13
O1A NAD J . -8.05 18.84 -10.25
O2A NAD J . -10.21 19.69 -9.07
O5B NAD J . -9.98 17.15 -9.45
C5B NAD J . -11.29 16.97 -9.00
C4B NAD J . -12.17 16.45 -10.16
O4B NAD J . -13.56 16.16 -9.76
C3B NAD J . -12.32 17.47 -11.40
O3B NAD J . -11.70 17.04 -12.60
C2B NAD J . -13.84 17.62 -11.46
O2B NAD J . -14.36 17.97 -12.71
C1B NAD J . -14.22 16.27 -10.96
N9A NAD J . -15.66 16.31 -10.71
C8A NAD J . -16.33 17.20 -9.87
N7A NAD J . -17.74 16.93 -10.01
C5A NAD J . -17.88 15.87 -10.95
C6A NAD J . -19.01 15.20 -11.47
N6A NAD J . -20.34 15.62 -11.04
N1A NAD J . -18.86 14.20 -12.36
C2A NAD J . -17.58 13.81 -12.78
N3A NAD J . -16.43 14.47 -12.28
C4A NAD J . -16.61 15.47 -11.38
O3 NAD J . -8.58 18.49 -7.63
PN NAD J . -7.78 17.13 -7.12
O1N NAD J . -6.77 16.51 -8.26
O2N NAD J . -7.01 17.53 -5.94
O5D NAD J . -8.91 16.01 -6.70
C5D NAD J . -8.88 14.73 -7.27
C4D NAD J . -9.15 13.67 -6.18
O4D NAD J . -8.08 13.59 -5.21
C3D NAD J . -10.42 13.92 -5.28
O3D NAD J . -11.21 12.81 -4.93
C2D NAD J . -9.83 14.67 -4.08
O2D NAD J . -10.70 14.79 -2.99
C1D NAD J . -8.62 13.80 -3.91
N1N NAD J . -7.54 14.33 -3.03
C2N NAD J . -6.95 15.63 -3.24
C3N NAD J . -5.85 16.02 -2.37
C7N NAD J . -5.16 17.37 -2.58
O7N NAD J . -4.40 17.76 -1.75
N7N NAD J . -5.28 18.01 -3.87
C4N NAD J . -5.33 15.13 -1.31
C5N NAD J . -5.92 13.84 -1.13
C6N NAD J . -7.03 13.43 -1.97
OAA 1S5 K . -10.10 16.16 -0.89
CAB 1S5 K . -9.16 17.19 -1.04
CAC 1S5 K . -9.24 18.02 -2.12
OAD 1S5 K . -10.20 17.80 -3.11
CAE 1S5 K . -11.36 18.59 -3.06
CAF 1S5 K . -12.02 18.80 -4.27
CAG 1S5 K . -11.42 18.22 -5.55
CAH 1S5 K . -8.18 17.39 -0.09
CAI 1S5 K . -8.31 19.06 -2.27
CAJ 1S5 K . -11.87 19.14 -1.87
CAK 1S5 K . -13.18 19.59 -4.32
CAL 1S5 K . -7.25 18.42 -0.24
NAM 1S5 K . -7.33 19.26 -1.32
CAN 1S5 K . -13.03 19.92 -1.92
CAO 1S5 K . -13.69 20.14 -3.14
NAP 1S5 K . -14.87 20.99 -3.21
CAQ 1S5 K . -6.16 18.62 0.84
CAR 1S5 K . -6.36 20.33 -1.55
CAS 1S5 K . -6.31 19.77 1.84
CAT 1S5 K . -7.60 19.88 2.64
CAU 1S5 K . -7.96 21.24 3.27
CAV 1S5 K . -9.15 21.92 2.59
CAW 1S5 K . -9.98 22.93 3.38
N1 EPE L . -21.12 20.43 -22.66
C2 EPE L . -20.89 19.99 -21.28
C3 EPE L . -22.24 19.61 -20.66
N4 EPE L . -22.99 18.73 -21.56
C5 EPE L . -22.76 18.67 -23.02
C6 EPE L . -21.37 19.19 -23.40
C7 EPE L . -24.38 18.51 -21.18
C8 EPE L . -24.42 17.29 -20.28
O8 EPE L . -24.89 16.18 -21.03
C9 EPE L . -19.97 21.15 -23.25
C10 EPE L . -19.45 22.28 -22.37
S EPE L . -18.19 23.06 -23.16
O1S EPE L . -16.88 22.63 -22.60
O2S EPE L . -18.25 22.73 -24.61
O3S EPE L . -18.29 24.52 -22.97
CL CL M . -18.82 10.93 -24.84
O4 2NV N . -20.63 20.47 -9.70
C5 2NV N . -19.23 20.31 -9.44
C6 2NV N . -18.42 21.47 -10.05
O7 2NV N . -17.22 21.67 -9.30
C8 2NV N . -16.53 22.88 -9.68
C9 2NV N . -16.84 24.04 -8.72
O10 2NV N . -16.20 23.94 -7.44
C11 2NV N . -16.57 25.00 -6.55
C12 2NV N . -16.57 24.52 -5.09
O13 2NV N . -15.47 25.08 -4.35
C14 2NV N . -15.09 24.34 -3.19
C15 2NV N . -13.97 25.08 -2.46
O16 2NV N . -12.88 25.38 -3.35
C17 2NV N . -12.01 26.41 -2.87
C18 2NV N . -11.35 27.16 -4.01
C9 2NV O . -12.67 29.53 -12.93
O10 2NV O . -12.18 28.23 -13.19
C11 2NV O . -10.77 28.11 -12.94
C12 2NV O . -10.53 26.89 -12.05
O13 2NV O . -10.56 25.67 -12.79
C14 2NV O . -11.28 24.66 -12.06
C15 2NV O . -10.45 24.12 -10.91
O16 2NV O . -11.34 23.69 -9.87
C5 2NV P . -25.50 0.01 -15.39
C6 2NV P . -26.25 1.31 -15.17
O7 2NV P . -25.52 2.17 -14.29
C8 2NV P . -26.35 3.13 -13.64
C9 2NV P . -25.86 3.40 -12.22
O10 2NV P . -26.95 3.77 -11.39
C11 2NV P . -26.84 3.27 -10.05
C12 2NV P . -28.21 3.27 -9.38
O13 2NV P . -28.69 1.94 -9.29
C14 2NV P . -30.13 1.88 -9.27
C15 2NV P . -30.64 0.45 -9.45
O16 2NV P . -30.38 -0.04 -10.77
C17 2NV P . -30.74 -1.41 -10.91
C18 2NV P . -30.10 -1.97 -12.17
C2 2NV Q . -31.73 25.83 13.42
C3 2NV Q . -32.27 24.99 12.27
O4 2NV Q . -31.20 24.67 11.37
C5 2NV Q . -31.44 23.46 10.65
C6 2NV Q . -30.14 23.04 9.97
O7 2NV Q . -29.74 24.08 9.09
C8 2NV Q . -28.47 23.86 8.48
C9 2NV Q . -28.10 25.09 7.66
O10 2NV Q . -28.58 26.24 8.34
C11 2NV Q . -27.80 27.42 8.14
C12 2NV Q . -28.53 28.65 8.67
O13 2NV Q . -28.55 28.68 10.10
C2A 2NV Q . -31.42 24.96 14.64
#